data_6BCS
#
_entry.id   6BCS
#
_cell.length_a   57.050
_cell.length_b   57.050
_cell.length_c   101.180
_cell.angle_alpha   90.000
_cell.angle_beta   90.000
_cell.angle_gamma   90.000
#
_symmetry.space_group_name_H-M   'P 41 21 2'
#
loop_
_entity.id
_entity.type
_entity.pdbx_description
1 polymer 'Leukocyte immunoglobulin-like receptor subfamily B member 2'
2 non-polymer BENZAMIDINE
3 non-polymer 'CHLORIDE ION'
4 non-polymer 'DIMETHYL SULFOXIDE'
5 water water
#
_entity_poly.entity_id   1
_entity_poly.type   'polypeptide(L)'
_entity_poly.pdbx_seq_one_letter_code
;MGTIPKPTLWAEPDSVITQGSPVTLSCQGSLEAQEYRLYREKKSASWITRIRPELVKNGQFHIPSITWEHTGRYGCQYYS
RARWSELSDPLVLVMTGAYPKPTLSAQPSPVVTSGGRVTLQCESQVAFGGFILCKEGEDEHPQCLNSQPHARGSSRAIFS
VGPVSPNRRWSHRCYGYDLNSPYVWSSPSDLLELLVPG
;
_entity_poly.pdbx_strand_id   A
#
# COMPACT_ATOMS: atom_id res chain seq x y z
N THR A 3 -5.00 -29.63 -3.55
CA THR A 3 -4.02 -30.70 -3.36
C THR A 3 -2.60 -30.24 -3.71
N ILE A 4 -2.47 -29.13 -4.41
CA ILE A 4 -1.18 -28.54 -4.76
C ILE A 4 -1.09 -27.18 -4.10
N PRO A 5 0.04 -26.84 -3.46
CA PRO A 5 0.10 -25.63 -2.63
C PRO A 5 -0.06 -24.36 -3.46
N LYS A 6 -0.82 -23.40 -2.92
CA LYS A 6 -1.05 -22.19 -3.68
C LYS A 6 0.24 -21.37 -3.77
N PRO A 7 0.48 -20.68 -4.88
CA PRO A 7 1.74 -19.95 -5.05
C PRO A 7 1.71 -18.66 -4.24
N THR A 8 2.84 -17.96 -4.24
CA THR A 8 2.84 -16.59 -3.73
C THR A 8 3.06 -15.60 -4.85
N LEU A 9 2.79 -14.35 -4.52
CA LEU A 9 2.81 -13.27 -5.48
C LEU A 9 3.44 -12.08 -4.77
N TRP A 10 4.45 -11.49 -5.37
CA TRP A 10 5.04 -10.29 -4.78
C TRP A 10 5.29 -9.25 -5.85
N ALA A 11 5.68 -8.06 -5.42
CA ALA A 11 5.91 -6.92 -6.28
C ALA A 11 7.30 -6.35 -6.00
N GLU A 12 7.99 -5.95 -7.05
CA GLU A 12 9.35 -5.43 -6.94
C GLU A 12 9.38 -4.09 -7.66
N PRO A 13 9.92 -3.02 -7.05
CA PRO A 13 10.60 -3.02 -5.75
C PRO A 13 9.64 -3.00 -4.57
N ASP A 14 8.37 -2.69 -4.83
CA ASP A 14 7.40 -2.51 -3.77
C ASP A 14 6.02 -2.61 -4.39
N SER A 15 4.99 -2.71 -3.54
CA SER A 15 3.62 -2.71 -4.04
C SER A 15 2.97 -1.34 -3.93
N VAL A 16 3.71 -0.33 -3.47
CA VAL A 16 3.26 1.06 -3.44
C VAL A 16 4.21 1.86 -4.30
N ILE A 17 3.71 2.42 -5.41
CA ILE A 17 4.54 2.90 -6.52
C ILE A 17 3.99 4.23 -7.01
N THR A 18 4.87 5.20 -7.28
CA THR A 18 4.43 6.51 -7.73
CA THR A 18 4.42 6.50 -7.71
C THR A 18 4.00 6.44 -9.18
N GLN A 19 2.96 7.23 -9.51
CA GLN A 19 2.43 7.31 -10.87
C GLN A 19 3.56 7.45 -11.90
N GLY A 20 3.51 6.59 -12.93
CA GLY A 20 4.50 6.60 -13.99
C GLY A 20 5.73 5.73 -13.76
N SER A 21 5.92 5.21 -12.57
CA SER A 21 7.12 4.45 -12.25
C SER A 21 6.92 2.95 -12.49
N PRO A 22 7.99 2.19 -12.67
CA PRO A 22 7.86 0.77 -13.00
C PRO A 22 7.67 -0.12 -11.78
N VAL A 23 7.07 -1.28 -12.04
CA VAL A 23 6.87 -2.30 -11.02
C VAL A 23 6.78 -3.65 -11.76
N THR A 24 7.28 -4.71 -11.11
CA THR A 24 7.13 -6.08 -11.61
C THR A 24 6.42 -6.94 -10.58
N LEU A 25 5.35 -7.62 -10.99
CA LEU A 25 4.70 -8.61 -10.14
C LEU A 25 5.25 -9.99 -10.48
N SER A 26 5.63 -10.75 -9.46
CA SER A 26 6.19 -12.10 -9.62
C SER A 26 5.33 -13.13 -8.91
N CYS A 27 4.89 -14.14 -9.65
CA CYS A 27 4.26 -15.35 -9.11
C CYS A 27 5.30 -16.46 -9.02
N GLN A 28 5.33 -17.17 -7.90
CA GLN A 28 6.18 -18.34 -7.80
C GLN A 28 5.42 -19.47 -7.13
N GLY A 29 5.33 -20.60 -7.84
CA GLY A 29 4.66 -21.78 -7.31
C GLY A 29 5.67 -22.89 -7.09
N SER A 30 5.26 -24.14 -7.28
CA SER A 30 6.19 -25.24 -7.03
C SER A 30 7.26 -25.29 -8.12
N LEU A 31 8.37 -25.97 -7.81
CA LEU A 31 9.46 -26.12 -8.77
C LEU A 31 9.00 -26.77 -10.07
N GLU A 32 7.87 -27.45 -10.04
CA GLU A 32 7.36 -28.20 -11.18
C GLU A 32 6.22 -27.48 -11.89
N ALA A 33 5.99 -26.22 -11.57
CA ALA A 33 5.01 -25.41 -12.28
C ALA A 33 5.28 -25.41 -13.78
N GLN A 34 4.26 -25.77 -14.57
CA GLN A 34 4.38 -25.76 -16.02
C GLN A 34 3.90 -24.46 -16.67
N GLU A 35 3.08 -23.67 -15.99
CA GLU A 35 2.42 -22.52 -16.61
C GLU A 35 1.81 -21.67 -15.50
N TYR A 36 1.70 -20.36 -15.75
CA TYR A 36 1.19 -19.40 -14.77
C TYR A 36 0.02 -18.62 -15.37
N ARG A 37 -0.91 -18.19 -14.51
CA ARG A 37 -1.95 -17.23 -14.87
C ARG A 37 -2.06 -16.16 -13.81
N LEU A 38 -2.25 -14.92 -14.23
CA LEU A 38 -2.37 -13.78 -13.35
C LEU A 38 -3.70 -13.10 -13.57
N TYR A 39 -4.35 -12.67 -12.48
CA TYR A 39 -5.65 -12.02 -12.52
C TYR A 39 -5.66 -10.78 -11.65
N ARG A 40 -6.52 -9.83 -12.00
CA ARG A 40 -6.78 -8.63 -11.21
C ARG A 40 -8.27 -8.52 -11.00
N GLU A 41 -8.67 -8.18 -9.77
CA GLU A 41 -10.08 -8.15 -9.40
C GLU A 41 -10.73 -6.89 -9.93
N LYS A 42 -11.93 -7.04 -10.48
CA LYS A 42 -12.66 -5.92 -11.04
C LYS A 42 -13.38 -5.13 -9.95
N LYS A 43 -13.29 -3.81 -10.05
CA LYS A 43 -14.07 -2.90 -9.22
C LYS A 43 -15.51 -2.87 -9.71
N SER A 44 -16.44 -3.35 -8.88
CA SER A 44 -17.86 -3.31 -9.18
C SER A 44 -18.21 -4.11 -10.44
N ALA A 45 -17.57 -5.28 -10.59
CA ALA A 45 -18.06 -6.29 -11.52
C ALA A 45 -17.72 -7.64 -10.91
N SER A 46 -18.60 -8.62 -11.11
CA SER A 46 -18.40 -9.89 -10.44
C SER A 46 -17.34 -10.75 -11.12
N TRP A 47 -17.01 -10.45 -12.38
CA TRP A 47 -15.92 -11.15 -13.05
C TRP A 47 -14.59 -10.45 -12.79
N ILE A 48 -13.51 -11.19 -13.02
CA ILE A 48 -12.14 -10.70 -12.79
C ILE A 48 -11.44 -10.59 -14.14
N THR A 49 -10.36 -9.82 -14.14
CA THR A 49 -9.59 -9.55 -15.36
C THR A 49 -8.41 -10.50 -15.48
N ARG A 50 -8.38 -11.28 -16.56
CA ARG A 50 -7.21 -12.08 -16.86
C ARG A 50 -6.12 -11.18 -17.45
N ILE A 51 -4.92 -11.19 -16.85
CA ILE A 51 -3.81 -10.48 -17.47
C ILE A 51 -3.32 -11.29 -18.66
N ARG A 52 -3.18 -10.62 -19.82
CA ARG A 52 -2.92 -11.31 -21.07
C ARG A 52 -1.68 -12.20 -20.97
N PRO A 53 -1.76 -13.46 -21.39
CA PRO A 53 -0.62 -14.38 -21.21
C PRO A 53 0.63 -13.94 -21.94
N GLU A 54 0.50 -13.25 -23.07
CA GLU A 54 1.65 -12.69 -23.76
C GLU A 54 2.45 -11.72 -22.87
N LEU A 55 1.86 -11.25 -21.77
CA LEU A 55 2.51 -10.29 -20.88
C LEU A 55 3.07 -10.93 -19.61
N VAL A 56 2.87 -12.23 -19.42
CA VAL A 56 3.39 -12.94 -18.25
C VAL A 56 4.45 -13.92 -18.76
N LYS A 57 5.71 -13.65 -18.41
CA LYS A 57 6.84 -14.49 -18.79
C LYS A 57 7.45 -15.10 -17.53
N ASN A 58 7.41 -16.43 -17.41
CA ASN A 58 7.87 -17.15 -16.21
C ASN A 58 7.18 -16.62 -14.95
N GLY A 59 5.88 -16.44 -15.04
CA GLY A 59 5.16 -15.91 -13.90
C GLY A 59 5.50 -14.48 -13.53
N GLN A 60 6.12 -13.72 -14.43
CA GLN A 60 6.43 -12.31 -14.19
C GLN A 60 5.59 -11.40 -15.07
N PHE A 61 5.01 -10.37 -14.47
CA PHE A 61 4.25 -9.36 -15.18
C PHE A 61 4.92 -8.01 -14.91
N HIS A 62 5.54 -7.44 -15.93
CA HIS A 62 6.25 -6.18 -15.79
C HIS A 62 5.36 -5.05 -16.27
N ILE A 63 5.26 -4.00 -15.46
CA ILE A 63 4.53 -2.78 -15.77
C ILE A 63 5.56 -1.66 -15.94
N PRO A 64 5.82 -1.16 -17.16
CA PRO A 64 6.86 -0.13 -17.31
C PRO A 64 6.54 1.19 -16.62
N SER A 65 5.28 1.59 -16.61
CA SER A 65 4.88 2.83 -15.95
C SER A 65 3.50 2.62 -15.35
N ILE A 66 3.39 2.62 -14.03
CA ILE A 66 2.12 2.31 -13.40
C ILE A 66 1.13 3.44 -13.65
N THR A 67 -0.12 3.08 -13.90
CA THR A 67 -1.22 4.02 -14.00
C THR A 67 -2.31 3.55 -13.05
N TRP A 68 -3.31 4.42 -12.85
CA TRP A 68 -4.40 4.09 -11.93
C TRP A 68 -5.09 2.80 -12.34
N GLU A 69 -5.09 2.48 -13.63
CA GLU A 69 -5.75 1.27 -14.12
C GLU A 69 -5.03 -0.01 -13.72
N HIS A 70 -3.78 0.08 -13.28
CA HIS A 70 -3.07 -1.12 -12.84
C HIS A 70 -3.32 -1.44 -11.37
N THR A 71 -3.92 -0.53 -10.61
CA THR A 71 -4.08 -0.70 -9.17
C THR A 71 -5.21 -1.69 -8.87
N GLY A 72 -5.12 -2.31 -7.68
CA GLY A 72 -6.13 -3.25 -7.26
C GLY A 72 -5.53 -4.55 -6.79
N ARG A 73 -6.39 -5.56 -6.62
CA ARG A 73 -5.99 -6.84 -6.05
C ARG A 73 -5.61 -7.82 -7.15
N TYR A 74 -4.39 -8.36 -7.09
CA TYR A 74 -3.96 -9.40 -8.02
C TYR A 74 -3.89 -10.75 -7.32
N GLY A 75 -4.13 -11.79 -8.09
CA GLY A 75 -3.90 -13.15 -7.63
C GLY A 75 -3.41 -14.01 -8.78
N CYS A 76 -2.68 -15.08 -8.46
CA CYS A 76 -2.12 -15.91 -9.51
C CYS A 76 -2.27 -17.39 -9.18
N GLN A 77 -2.25 -18.20 -10.23
CA GLN A 77 -2.27 -19.64 -10.09
C GLN A 77 -1.18 -20.23 -10.99
N TYR A 78 -0.88 -21.50 -10.75
CA TYR A 78 0.03 -22.23 -11.61
C TYR A 78 -0.57 -23.60 -11.86
N TYR A 79 -0.05 -24.24 -12.89
CA TYR A 79 -0.53 -25.52 -13.40
C TYR A 79 0.51 -26.58 -13.09
N SER A 80 0.08 -27.69 -12.48
CA SER A 80 0.99 -28.78 -12.20
C SER A 80 0.19 -30.03 -11.86
N ARG A 81 0.68 -31.19 -12.30
CA ARG A 81 0.01 -32.46 -12.05
C ARG A 81 -1.43 -32.44 -12.56
N ALA A 82 -1.60 -31.89 -13.77
CA ALA A 82 -2.85 -31.90 -14.53
C ALA A 82 -3.93 -30.97 -13.95
N ARG A 83 -3.57 -30.00 -13.13
CA ARG A 83 -4.58 -29.12 -12.55
C ARG A 83 -3.97 -27.76 -12.22
N TRP A 84 -4.85 -26.77 -12.10
CA TRP A 84 -4.47 -25.43 -11.67
C TRP A 84 -4.63 -25.31 -10.16
N SER A 85 -3.70 -24.60 -9.52
CA SER A 85 -3.76 -24.31 -8.10
C SER A 85 -4.93 -23.35 -7.79
N GLU A 86 -5.26 -23.24 -6.51
CA GLU A 86 -6.09 -22.12 -6.10
C GLU A 86 -5.27 -20.83 -6.19
N LEU A 87 -5.97 -19.69 -6.16
CA LEU A 87 -5.28 -18.42 -6.30
C LEU A 87 -4.39 -18.15 -5.09
N SER A 88 -3.30 -17.43 -5.32
CA SER A 88 -2.47 -16.96 -4.22
C SER A 88 -3.26 -16.04 -3.29
N ASP A 89 -2.68 -15.79 -2.12
CA ASP A 89 -3.10 -14.66 -1.32
C ASP A 89 -3.02 -13.39 -2.16
N PRO A 90 -3.96 -12.45 -1.99
CA PRO A 90 -3.99 -11.29 -2.89
C PRO A 90 -2.79 -10.38 -2.67
N LEU A 91 -2.28 -9.83 -3.77
CA LEU A 91 -1.32 -8.74 -3.71
C LEU A 91 -2.05 -7.48 -4.15
N VAL A 92 -2.07 -6.47 -3.28
CA VAL A 92 -2.72 -5.19 -3.58
C VAL A 92 -1.67 -4.21 -4.07
N LEU A 93 -1.83 -3.75 -5.31
CA LEU A 93 -0.92 -2.82 -5.94
C LEU A 93 -1.51 -1.42 -5.85
N VAL A 94 -0.73 -0.48 -5.34
CA VAL A 94 -1.17 0.86 -5.00
C VAL A 94 -0.36 1.86 -5.82
N MET A 95 -1.02 2.89 -6.35
CA MET A 95 -0.33 4.00 -7.00
C MET A 95 -0.48 5.25 -6.16
N THR A 96 0.64 5.94 -5.92
CA THR A 96 0.68 7.20 -5.21
C THR A 96 0.95 8.34 -6.17
N GLY A 97 0.88 9.56 -5.64
CA GLY A 97 1.13 10.75 -6.44
C GLY A 97 -0.03 11.22 -7.28
N ALA A 98 -1.26 10.74 -7.03
CA ALA A 98 -2.36 11.17 -7.89
C ALA A 98 -2.94 12.51 -7.46
N TYR A 99 -2.73 12.92 -6.22
CA TYR A 99 -3.32 14.09 -5.61
C TYR A 99 -2.24 14.82 -4.84
N PRO A 100 -2.40 16.13 -4.61
CA PRO A 100 -1.39 16.87 -3.82
C PRO A 100 -1.26 16.28 -2.42
N LYS A 101 -0.06 16.37 -1.87
CA LYS A 101 0.24 15.75 -0.57
C LYS A 101 -0.43 16.50 0.58
N PRO A 102 -0.82 15.80 1.64
CA PRO A 102 -1.29 16.45 2.86
C PRO A 102 -0.12 16.90 3.72
N THR A 103 -0.45 17.65 4.78
CA THR A 103 0.52 18.10 5.78
C THR A 103 0.42 17.27 7.05
N LEU A 104 1.57 16.97 7.67
CA LEU A 104 1.62 16.13 8.86
C LEU A 104 2.31 16.87 9.97
N SER A 105 1.70 16.91 11.16
CA SER A 105 2.28 17.62 12.30
C SER A 105 1.96 16.88 13.61
N ALA A 106 2.74 17.19 14.65
CA ALA A 106 2.64 16.55 15.97
C ALA A 106 2.18 17.54 17.04
N GLN A 107 1.35 17.06 17.97
CA GLN A 107 0.90 17.83 19.12
C GLN A 107 1.03 16.95 20.36
N PRO A 108 1.68 17.42 21.43
CA PRO A 108 2.24 18.77 21.62
C PRO A 108 3.55 19.06 20.89
N SER A 109 4.36 18.04 20.57
CA SER A 109 5.68 18.27 20.00
C SER A 109 6.13 17.03 19.24
N PRO A 110 6.93 17.21 18.18
CA PRO A 110 7.59 16.06 17.55
C PRO A 110 8.66 15.42 18.42
N VAL A 111 9.14 16.12 19.44
CA VAL A 111 10.09 15.55 20.40
C VAL A 111 9.30 15.14 21.64
N VAL A 112 9.37 13.86 21.99
CA VAL A 112 8.48 13.28 23.01
C VAL A 112 9.29 12.40 23.94
N THR A 113 9.07 12.56 25.25
CA THR A 113 9.77 11.76 26.25
C THR A 113 9.49 10.28 26.05
N SER A 114 10.48 9.45 26.40
CA SER A 114 10.40 8.02 26.13
C SER A 114 9.20 7.41 26.85
N GLY A 115 8.42 6.62 26.12
CA GLY A 115 7.18 6.06 26.62
C GLY A 115 5.96 6.93 26.41
N GLY A 116 6.13 8.23 26.21
CA GLY A 116 4.98 9.10 26.01
C GLY A 116 4.26 8.83 24.71
N ARG A 117 2.97 9.16 24.72
CA ARG A 117 2.12 9.12 23.54
C ARG A 117 2.01 10.53 22.96
N VAL A 118 1.72 10.58 21.66
CA VAL A 118 1.60 11.87 20.97
C VAL A 118 0.49 11.79 19.93
N THR A 119 -0.06 12.95 19.59
CA THR A 119 -1.11 13.08 18.60
C THR A 119 -0.53 13.60 17.29
N LEU A 120 -0.77 12.86 16.20
CA LEU A 120 -0.40 13.30 14.86
C LEU A 120 -1.64 13.74 14.10
N GLN A 121 -1.49 14.80 13.32
CA GLN A 121 -2.60 15.38 12.58
C GLN A 121 -2.23 15.47 11.11
N CYS A 122 -3.05 14.88 10.25
CA CYS A 122 -2.89 14.97 8.81
CA CYS A 122 -2.92 14.96 8.80
C CYS A 122 -3.94 15.96 8.30
N GLU A 123 -3.50 16.92 7.48
CA GLU A 123 -4.38 17.98 6.99
C GLU A 123 -4.24 18.17 5.49
N SER A 124 -5.33 18.57 4.84
CA SER A 124 -5.32 18.81 3.40
CA SER A 124 -5.31 18.82 3.42
C SER A 124 -6.16 20.04 3.09
N GLN A 125 -5.81 20.73 2.00
CA GLN A 125 -6.61 21.87 1.54
C GLN A 125 -7.97 21.42 1.01
N VAL A 126 -8.03 20.30 0.30
CA VAL A 126 -9.25 19.72 -0.25
C VAL A 126 -9.55 18.41 0.47
N ALA A 127 -10.84 18.12 0.66
CA ALA A 127 -11.23 16.93 1.40
C ALA A 127 -10.83 15.65 0.68
N PHE A 128 -10.52 14.64 1.47
CA PHE A 128 -10.26 13.28 1.02
C PHE A 128 -11.33 12.37 1.62
N GLY A 129 -11.52 11.19 1.00
CA GLY A 129 -12.39 10.21 1.62
C GLY A 129 -11.83 9.69 2.93
N GLY A 130 -10.51 9.47 2.99
CA GLY A 130 -9.87 9.01 4.20
C GLY A 130 -8.39 9.32 4.16
N PHE A 131 -7.75 9.09 5.30
CA PHE A 131 -6.31 9.27 5.46
C PHE A 131 -5.70 7.99 6.00
N ILE A 132 -4.44 7.78 5.72
CA ILE A 132 -3.68 6.71 6.36
C ILE A 132 -2.35 7.29 6.84
N LEU A 133 -1.91 6.83 8.01
CA LEU A 133 -0.67 7.27 8.63
C LEU A 133 0.25 6.05 8.73
N CYS A 134 1.33 6.05 7.96
CA CYS A 134 2.19 4.88 7.89
C CYS A 134 3.52 5.15 8.58
N LYS A 135 3.97 4.16 9.35
CA LYS A 135 5.26 4.21 10.03
C LYS A 135 6.16 3.12 9.45
N GLU A 136 7.41 3.48 9.17
CA GLU A 136 8.44 2.55 8.73
C GLU A 136 9.68 2.74 9.59
N GLY A 137 10.30 1.62 9.98
CA GLY A 137 11.47 1.65 10.82
C GLY A 137 12.49 0.63 10.37
N GLU A 138 13.64 0.63 11.04
CA GLU A 138 14.71 -0.28 10.67
C GLU A 138 14.42 -1.73 11.06
N ASP A 139 13.44 -1.96 11.95
CA ASP A 139 13.20 -3.29 12.51
C ASP A 139 11.86 -3.92 12.16
N GLU A 140 10.92 -3.17 11.55
CA GLU A 140 9.57 -3.68 11.36
C GLU A 140 9.05 -3.32 9.97
N HIS A 141 7.95 -3.98 9.59
CA HIS A 141 7.28 -3.71 8.33
C HIS A 141 6.49 -2.41 8.45
N PRO A 142 5.99 -1.88 7.32
CA PRO A 142 5.13 -0.70 7.40
C PRO A 142 3.82 -1.01 8.11
N GLN A 143 3.52 -0.23 9.14
CA GLN A 143 2.24 -0.29 9.86
C GLN A 143 1.48 0.99 9.54
N CYS A 144 0.29 0.87 8.95
CA CYS A 144 -0.53 2.04 8.62
C CYS A 144 -1.77 2.06 9.51
N LEU A 145 -1.96 3.18 10.22
CA LEU A 145 -3.23 3.44 10.88
C LEU A 145 -4.18 4.08 9.89
N ASN A 146 -5.47 3.75 9.99
CA ASN A 146 -6.49 4.27 9.10
C ASN A 146 -7.43 5.17 9.87
N SER A 147 -7.69 6.36 9.33
CA SER A 147 -8.68 7.22 9.94
C SER A 147 -10.09 6.72 9.60
N GLN A 148 -11.05 7.08 10.43
CA GLN A 148 -12.43 6.68 10.15
C GLN A 148 -12.99 7.52 9.01
N PRO A 149 -13.42 6.93 7.90
CA PRO A 149 -14.01 7.74 6.83
C PRO A 149 -15.29 8.41 7.30
N HIS A 150 -15.49 9.65 6.86
CA HIS A 150 -16.63 10.46 7.27
C HIS A 150 -17.55 10.69 6.07
N ALA A 151 -18.76 11.19 6.38
CA ALA A 151 -19.85 11.23 5.41
C ALA A 151 -19.45 11.87 4.08
N ARG A 152 -19.06 13.13 4.11
CA ARG A 152 -18.67 13.85 2.90
C ARG A 152 -17.17 14.12 2.87
N GLY A 153 -16.38 13.12 3.26
CA GLY A 153 -14.92 13.26 3.27
C GLY A 153 -14.50 14.25 4.34
N SER A 154 -13.19 14.38 4.50
CA SER A 154 -12.67 15.33 5.49
C SER A 154 -11.30 15.82 5.07
N SER A 155 -10.93 16.96 5.63
CA SER A 155 -9.66 17.60 5.35
C SER A 155 -8.74 17.58 6.55
N ARG A 156 -9.05 16.78 7.57
CA ARG A 156 -8.21 16.63 8.75
C ARG A 156 -8.46 15.26 9.37
N ALA A 157 -7.38 14.59 9.79
CA ALA A 157 -7.52 13.37 10.58
C ALA A 157 -6.52 13.38 11.71
N ILE A 158 -6.91 12.77 12.83
CA ILE A 158 -6.16 12.82 14.07
C ILE A 158 -5.83 11.39 14.47
N PHE A 159 -4.55 11.11 14.67
CA PHE A 159 -4.10 9.78 15.06
C PHE A 159 -3.35 9.86 16.38
N SER A 160 -3.49 8.83 17.20
CA SER A 160 -2.69 8.69 18.41
C SER A 160 -1.62 7.62 18.20
N VAL A 161 -0.36 7.96 18.50
CA VAL A 161 0.75 7.04 18.27
C VAL A 161 1.64 6.97 19.50
N GLY A 162 2.36 5.85 19.62
CA GLY A 162 3.25 5.65 20.75
C GLY A 162 2.54 5.47 22.08
N PRO A 163 3.27 5.04 23.13
CA PRO A 163 4.66 4.72 23.50
C PRO A 163 5.75 4.74 22.42
N VAL A 164 6.43 5.88 22.31
CA VAL A 164 7.66 5.98 21.51
C VAL A 164 8.83 5.54 22.38
N SER A 165 9.79 4.85 21.78
CA SER A 165 10.99 4.39 22.44
C SER A 165 12.22 4.94 21.72
N PRO A 166 13.35 5.08 22.43
CA PRO A 166 14.55 5.65 21.80
C PRO A 166 15.10 4.76 20.70
N ASN A 167 15.26 3.46 20.98
CA ASN A 167 15.91 2.56 20.03
C ASN A 167 15.24 2.59 18.67
N ARG A 168 13.93 2.39 18.62
CA ARG A 168 13.24 2.34 17.35
C ARG A 168 13.35 3.67 16.62
N ARG A 169 13.12 3.61 15.31
CA ARG A 169 12.96 4.80 14.48
C ARG A 169 11.47 5.00 14.21
N TRP A 170 10.98 6.19 14.49
CA TRP A 170 9.56 6.49 14.39
C TRP A 170 9.35 7.57 13.33
N SER A 171 9.53 7.20 12.06
CA SER A 171 9.31 8.11 10.95
C SER A 171 7.95 7.84 10.31
N HIS A 172 7.10 8.87 10.24
CA HIS A 172 5.76 8.72 9.69
C HIS A 172 5.58 9.58 8.43
N ARG A 173 4.73 9.08 7.55
CA ARG A 173 4.17 9.84 6.45
C ARG A 173 2.67 9.57 6.38
N CYS A 174 1.90 10.55 5.89
CA CYS A 174 0.48 10.30 5.70
CA CYS A 174 0.45 10.44 5.74
C CYS A 174 0.05 10.53 4.26
N TYR A 175 -1.03 9.84 3.89
CA TYR A 175 -1.57 9.83 2.54
C TYR A 175 -3.06 10.06 2.60
N GLY A 176 -3.60 10.76 1.59
CA GLY A 176 -5.03 10.84 1.37
C GLY A 176 -5.49 9.94 0.23
N TYR A 177 -6.74 9.48 0.31
CA TYR A 177 -7.33 8.65 -0.74
C TYR A 177 -8.84 8.89 -0.78
N ASP A 178 -9.47 8.49 -1.88
CA ASP A 178 -10.92 8.57 -2.06
C ASP A 178 -11.54 7.19 -2.00
N LEU A 179 -12.69 7.10 -1.32
CA LEU A 179 -13.31 5.82 -1.00
C LEU A 179 -13.62 4.99 -2.24
N ASN A 180 -13.95 5.64 -3.36
CA ASN A 180 -14.32 4.88 -4.55
C ASN A 180 -13.13 4.38 -5.37
N SER A 181 -11.90 4.78 -5.05
CA SER A 181 -10.71 4.17 -5.63
C SER A 181 -9.64 4.16 -4.55
N PRO A 182 -9.71 3.20 -3.63
CA PRO A 182 -8.84 3.25 -2.45
C PRO A 182 -7.43 2.76 -2.67
N TYR A 183 -7.07 2.29 -3.86
CA TYR A 183 -5.68 1.95 -4.14
C TYR A 183 -4.99 3.01 -4.99
N VAL A 184 -5.57 4.22 -5.06
CA VAL A 184 -4.94 5.38 -5.67
C VAL A 184 -4.76 6.39 -4.54
N TRP A 185 -3.51 6.70 -4.20
CA TRP A 185 -3.24 7.59 -3.07
C TRP A 185 -2.60 8.88 -3.54
N SER A 186 -2.66 9.88 -2.65
CA SER A 186 -1.96 11.15 -2.83
C SER A 186 -0.45 10.93 -2.80
N SER A 187 0.29 11.96 -3.24
CA SER A 187 1.69 12.07 -2.83
C SER A 187 1.78 11.96 -1.31
N PRO A 188 2.82 11.33 -0.79
CA PRO A 188 2.98 11.28 0.67
C PRO A 188 3.32 12.65 1.24
N SER A 189 2.87 12.88 2.46
CA SER A 189 3.33 14.05 3.18
C SER A 189 4.85 14.00 3.37
N ASP A 190 5.44 15.15 3.69
CA ASP A 190 6.80 15.14 4.20
C ASP A 190 6.92 14.16 5.36
N LEU A 191 8.09 13.54 5.46
CA LEU A 191 8.37 12.65 6.59
C LEU A 191 8.41 13.43 7.91
N LEU A 192 7.73 12.89 8.92
CA LEU A 192 7.77 13.44 10.26
C LEU A 192 8.38 12.39 11.16
N GLU A 193 9.54 12.72 11.74
CA GLU A 193 10.25 11.81 12.61
C GLU A 193 10.03 12.23 14.05
N LEU A 194 9.56 11.31 14.88
CA LEU A 194 9.43 11.54 16.31
C LEU A 194 10.76 11.24 16.97
N LEU A 195 11.20 12.13 17.86
CA LEU A 195 12.51 12.00 18.49
C LEU A 195 12.36 11.98 20.00
N VAL A 196 13.20 11.19 20.64
CA VAL A 196 13.18 11.00 22.10
C VAL A 196 14.45 11.61 22.68
N PRO A 197 14.34 12.54 23.62
CA PRO A 197 15.54 12.99 24.34
C PRO A 197 15.94 11.94 25.36
N GLY A 198 17.24 11.72 25.48
CA GLY A 198 17.74 10.71 26.41
C GLY A 198 19.15 11.00 26.90
#